data_1DFQ
#
_entry.id   1DFQ
#
_cell.length_a   66.860
_cell.length_b   70.240
_cell.length_c   122.520
_cell.angle_alpha   90.00
_cell.angle_beta   90.00
_cell.angle_gamma   90.00
#
_symmetry.space_group_name_H-M   'P 21 21 21'
#
loop_
_entity.id
_entity.type
_entity.pdbx_description
1 polymer 'TETANUS TOXIN HC'
2 non-polymer 'N-acetyl-beta-neuraminic acid'
3 water water
#
_entity_poly.entity_id   1
_entity_poly.type   'polypeptide(L)'
_entity_poly.pdbx_seq_one_letter_code
;DNEEDIDVILKKSTILNLDINNDIISDISGFNSSVITYPDAQLVPGINGKAIHLVNNESSEVIVHKAMDIEYNDMFNNFT
VSFWLRVPKVSASHLEQYGTNEYSIISSMKKHSLSIGSGWSVSLKGNNLIWTLKDSAGEVRQITFRDLPDKFNAYLANKW
VFITITNDRLSSANLYINGVLMGSAEITGLGAIREDNNITLKLDRCNNNNQYVSIDKFRIFCKALNPKEIEKLYTSYLSI
TFLRDFWGNPLRYDTEYYLIPVASSSKDVQLKNITDYMYLTNAPSYTNGKLNIYYRRLYNGLKFIIKRYTPNNEIDSFVK
SGDFIKLYVSYNNNEHIVGYPKDGNAFNNLDRILRVGYNAPGIPLYKKMEAVKLRDLKTYSVQLKLYDDKNASLGLVGTH
NGQIGNDPNRDILIASNWYFNHLKDKILGCDWYFVPTDEGWTND
;
_entity_poly.pdbx_strand_id   A
#
# COMPACT_ATOMS: atom_id res chain seq x y z
N GLU A 4 30.68 4.31 7.64
CA GLU A 4 29.67 5.23 8.25
C GLU A 4 28.38 4.47 8.51
N ASP A 5 27.36 5.14 9.07
CA ASP A 5 26.14 4.38 9.38
C ASP A 5 25.13 4.51 8.26
N ILE A 6 24.26 3.53 8.06
CA ILE A 6 23.32 3.62 6.95
C ILE A 6 22.52 4.90 7.03
N ASP A 7 21.92 5.19 8.18
CA ASP A 7 21.07 6.36 8.36
C ASP A 7 21.79 7.65 8.05
N VAL A 8 23.08 7.70 8.35
CA VAL A 8 23.94 8.83 8.04
C VAL A 8 24.05 8.90 6.51
N ILE A 9 24.54 7.81 5.93
CA ILE A 9 24.73 7.79 4.49
C ILE A 9 23.45 8.26 3.83
N LEU A 10 22.36 7.57 4.08
CA LEU A 10 21.11 8.03 3.45
C LEU A 10 21.00 9.54 3.58
N LYS A 11 21.02 10.09 4.78
CA LYS A 11 20.86 11.52 5.00
C LYS A 11 21.77 12.31 4.07
N LYS A 12 23.06 12.28 4.29
CA LYS A 12 24.08 13.01 3.61
C LYS A 12 24.13 12.82 2.10
N SER A 13 23.49 11.85 1.48
CA SER A 13 23.55 11.78 0.04
C SER A 13 22.23 12.29 -0.53
N THR A 14 21.36 12.82 0.36
CA THR A 14 20.08 13.31 -0.13
C THR A 14 20.20 14.69 -0.76
N ILE A 15 19.68 14.75 -1.98
CA ILE A 15 19.82 16.02 -2.67
C ILE A 15 18.47 16.62 -3.00
N LEU A 16 17.43 15.92 -2.66
CA LEU A 16 16.10 16.38 -2.94
C LEU A 16 15.14 15.49 -2.16
N ASN A 17 14.24 16.08 -1.41
CA ASN A 17 13.28 15.41 -0.59
C ASN A 17 12.02 16.26 -0.50
N LEU A 18 10.93 15.76 -1.05
CA LEU A 18 9.69 16.48 -1.08
C LEU A 18 8.79 16.16 0.10
N ASP A 19 8.79 17.05 1.10
CA ASP A 19 8.00 16.83 2.30
C ASP A 19 6.66 17.59 2.28
N ILE A 20 5.57 17.00 2.78
CA ILE A 20 4.31 17.69 2.85
C ILE A 20 4.03 17.98 4.33
N ASN A 21 4.24 19.22 4.69
CA ASN A 21 3.99 19.77 5.99
C ASN A 21 3.13 21.05 5.87
N ASN A 22 2.00 20.97 6.59
CA ASN A 22 1.14 22.12 6.67
C ASN A 22 0.38 22.29 5.36
N ASP A 23 0.17 21.18 4.68
CA ASP A 23 -0.53 21.26 3.41
C ASP A 23 0.21 22.06 2.36
N ILE A 24 1.52 22.10 2.43
CA ILE A 24 2.42 22.72 1.52
C ILE A 24 3.56 21.72 1.16
N ILE A 25 3.86 21.55 -0.12
CA ILE A 25 4.92 20.75 -0.60
C ILE A 25 6.26 21.50 -0.66
N SER A 26 7.29 21.02 0.05
CA SER A 26 8.58 21.70 -0.08
C SER A 26 9.72 20.72 -0.20
N ASP A 27 10.94 21.18 -0.35
CA ASP A 27 12.15 20.38 -0.38
C ASP A 27 12.91 20.40 0.94
N ILE A 28 12.83 19.37 1.79
CA ILE A 28 13.57 19.42 3.04
C ILE A 28 14.97 18.87 2.96
N SER A 29 15.52 18.48 1.82
CA SER A 29 16.87 17.92 1.82
C SER A 29 17.95 18.82 2.35
N GLY A 30 17.79 20.12 2.41
CA GLY A 30 18.81 21.07 2.81
C GLY A 30 19.23 21.96 1.65
N PHE A 31 18.98 21.51 0.42
CA PHE A 31 19.41 22.20 -0.78
C PHE A 31 18.51 23.38 -1.14
N ASN A 32 17.28 23.30 -0.65
CA ASN A 32 16.30 24.35 -0.87
C ASN A 32 15.95 24.45 -2.33
N SER A 33 15.37 23.40 -2.90
CA SER A 33 14.87 23.44 -4.25
C SER A 33 13.44 23.98 -4.24
N SER A 34 13.23 24.85 -5.21
CA SER A 34 11.95 25.51 -5.34
C SER A 34 10.87 24.60 -5.88
N VAL A 35 9.90 24.40 -4.99
CA VAL A 35 8.78 23.59 -5.46
C VAL A 35 7.67 24.54 -5.81
N ILE A 36 6.95 24.30 -6.86
CA ILE A 36 5.86 25.09 -7.35
C ILE A 36 4.67 24.18 -7.60
N THR A 37 3.72 24.05 -6.70
CA THR A 37 2.53 23.24 -6.95
C THR A 37 1.43 23.94 -7.70
N TYR A 38 0.94 23.45 -8.78
CA TYR A 38 -0.14 24.02 -9.57
C TYR A 38 -1.49 23.71 -8.98
N PRO A 39 -2.54 24.45 -9.31
CA PRO A 39 -3.88 24.32 -8.79
C PRO A 39 -4.48 22.94 -8.63
N ASP A 40 -4.14 21.98 -9.49
CA ASP A 40 -4.84 20.70 -9.36
C ASP A 40 -4.01 19.55 -8.85
N ALA A 41 -2.84 19.76 -8.31
CA ALA A 41 -2.12 18.62 -7.70
C ALA A 41 -2.91 18.29 -6.43
N GLN A 42 -3.50 17.16 -6.14
CA GLN A 42 -4.31 16.97 -4.96
C GLN A 42 -3.53 16.55 -3.76
N LEU A 43 -4.16 16.54 -2.59
CA LEU A 43 -3.35 16.07 -1.44
C LEU A 43 -4.18 14.98 -0.81
N VAL A 44 -3.71 13.76 -0.68
CA VAL A 44 -4.59 12.76 -0.06
C VAL A 44 -3.83 12.03 1.03
N PRO A 45 -4.48 11.04 1.60
CA PRO A 45 -3.85 10.16 2.55
C PRO A 45 -2.66 9.39 1.98
N GLY A 46 -1.61 9.19 2.79
CA GLY A 46 -0.36 8.56 2.51
C GLY A 46 0.22 7.45 3.35
N ILE A 47 1.50 7.14 3.13
CA ILE A 47 2.13 6.02 3.81
C ILE A 47 2.37 6.63 5.15
N ASN A 48 3.03 7.74 5.25
CA ASN A 48 3.15 8.38 6.58
C ASN A 48 2.86 9.87 6.40
N GLY A 49 1.59 10.26 6.35
CA GLY A 49 1.20 11.65 6.14
C GLY A 49 0.24 11.73 4.97
N LYS A 50 0.38 12.85 4.28
CA LYS A 50 -0.43 13.13 3.08
C LYS A 50 0.52 12.89 1.92
N ALA A 51 -0.09 12.69 0.76
CA ALA A 51 0.67 12.37 -0.43
C ALA A 51 0.17 13.14 -1.66
N ILE A 52 0.97 13.19 -2.71
CA ILE A 52 0.57 13.90 -3.88
C ILE A 52 -0.29 13.00 -4.75
N HIS A 53 -1.37 13.52 -5.28
CA HIS A 53 -2.32 12.89 -6.14
C HIS A 53 -2.57 13.67 -7.42
N LEU A 54 -2.11 13.13 -8.55
CA LEU A 54 -2.19 13.80 -9.82
C LEU A 54 -3.31 13.30 -10.74
N VAL A 55 -4.07 14.23 -11.29
CA VAL A 55 -5.12 13.80 -12.22
C VAL A 55 -4.74 14.12 -13.64
N ASN A 56 -5.58 13.78 -14.60
CA ASN A 56 -5.16 13.99 -15.98
C ASN A 56 -5.54 15.32 -16.59
N ASN A 57 -4.61 16.25 -16.23
CA ASN A 57 -4.84 17.59 -16.74
C ASN A 57 -3.66 18.52 -16.55
N GLU A 58 -3.69 19.53 -17.40
CA GLU A 58 -2.61 20.49 -17.38
C GLU A 58 -2.42 21.22 -16.09
N SER A 59 -3.36 21.47 -15.21
CA SER A 59 -3.08 22.13 -13.95
C SER A 59 -2.67 21.21 -12.81
N SER A 60 -2.92 19.93 -12.88
CA SER A 60 -2.40 19.01 -11.85
C SER A 60 -0.90 18.81 -12.06
N GLU A 61 -0.03 19.30 -11.20
CA GLU A 61 1.39 19.14 -11.52
C GLU A 61 2.25 19.70 -10.40
N VAL A 62 3.41 19.17 -10.13
CA VAL A 62 4.28 19.77 -9.13
C VAL A 62 5.63 19.91 -9.86
N ILE A 63 6.28 21.05 -9.89
CA ILE A 63 7.49 21.19 -10.61
C ILE A 63 8.52 21.57 -9.57
N VAL A 64 9.68 20.99 -9.68
CA VAL A 64 10.77 21.31 -8.79
C VAL A 64 11.77 22.06 -9.64
N HIS A 65 12.32 23.21 -9.34
CA HIS A 65 13.38 23.80 -10.15
C HIS A 65 14.65 23.53 -9.33
N LYS A 66 15.53 22.73 -9.89
CA LYS A 66 16.76 22.33 -9.24
C LYS A 66 17.43 23.55 -8.63
N ALA A 67 18.01 23.43 -7.46
CA ALA A 67 18.77 24.56 -6.92
C ALA A 67 20.05 24.65 -7.76
N MET A 68 20.91 25.60 -7.49
CA MET A 68 22.15 25.76 -8.24
C MET A 68 23.07 24.58 -8.06
N ASP A 69 23.43 24.29 -6.83
CA ASP A 69 24.29 23.20 -6.41
C ASP A 69 24.05 21.81 -6.98
N ILE A 70 22.80 21.47 -7.32
CA ILE A 70 22.46 20.16 -7.84
C ILE A 70 22.14 20.11 -9.32
N GLU A 71 22.22 21.20 -10.06
CA GLU A 71 21.90 21.35 -11.46
C GLU A 71 22.12 20.13 -12.34
N TYR A 72 23.39 19.73 -12.28
CA TYR A 72 23.99 18.68 -13.04
C TYR A 72 24.58 17.50 -12.28
N ASN A 73 23.99 17.03 -11.18
CA ASN A 73 24.52 15.87 -10.49
C ASN A 73 24.19 14.58 -11.23
N ASP A 74 23.28 14.56 -12.19
CA ASP A 74 23.03 13.32 -12.91
C ASP A 74 23.68 13.28 -14.30
N MET A 75 24.45 14.29 -14.69
CA MET A 75 25.10 14.37 -15.98
C MET A 75 25.96 13.14 -16.24
N PHE A 76 26.95 12.94 -15.38
CA PHE A 76 27.78 11.75 -15.50
C PHE A 76 27.65 10.90 -14.23
N ASN A 77 27.61 11.50 -13.07
CA ASN A 77 27.54 10.82 -11.81
C ASN A 77 26.35 9.95 -11.46
N ASN A 78 26.58 9.10 -10.45
CA ASN A 78 25.57 8.17 -9.97
C ASN A 78 24.42 8.87 -9.27
N PHE A 79 23.23 8.31 -9.33
CA PHE A 79 22.13 8.87 -8.55
C PHE A 79 21.07 7.80 -8.34
N THR A 80 20.26 7.88 -7.29
CA THR A 80 19.12 7.03 -7.12
C THR A 80 17.84 7.90 -7.08
N VAL A 81 16.72 7.40 -7.56
CA VAL A 81 15.45 8.06 -7.38
C VAL A 81 14.58 7.16 -6.48
N SER A 82 13.83 7.70 -5.49
CA SER A 82 12.99 6.82 -4.73
C SER A 82 11.74 7.63 -4.44
N PHE A 83 10.66 6.89 -4.34
CA PHE A 83 9.35 7.41 -4.06
C PHE A 83 8.33 6.29 -3.81
N TRP A 84 7.24 6.67 -3.07
CA TRP A 84 6.18 5.68 -2.95
C TRP A 84 5.25 5.94 -4.15
N LEU A 85 4.65 4.94 -4.74
CA LEU A 85 3.77 5.14 -5.85
C LEU A 85 2.48 4.36 -5.65
N ARG A 86 1.35 4.86 -6.15
CA ARG A 86 0.09 4.12 -5.92
C ARG A 86 -0.74 4.21 -7.17
N VAL A 87 -1.27 3.25 -7.83
CA VAL A 87 -1.77 3.42 -9.19
C VAL A 87 -2.94 2.47 -9.23
N PRO A 88 -4.11 2.97 -9.55
CA PRO A 88 -5.31 2.15 -9.55
C PRO A 88 -5.09 0.95 -10.44
N LYS A 89 -5.92 -0.07 -10.23
CA LYS A 89 -5.84 -1.26 -11.06
C LYS A 89 -6.55 -0.99 -12.39
N VAL A 90 -5.78 -1.09 -13.45
CA VAL A 90 -6.25 -0.90 -14.80
C VAL A 90 -7.38 -1.86 -15.08
N SER A 91 -8.49 -1.47 -15.69
CA SER A 91 -9.58 -2.41 -15.95
C SER A 91 -9.25 -3.12 -17.25
N ALA A 92 -9.92 -4.22 -17.54
CA ALA A 92 -9.66 -5.01 -18.74
C ALA A 92 -9.88 -4.16 -20.00
N SER A 93 -11.04 -3.51 -19.96
CA SER A 93 -11.38 -2.52 -20.94
C SER A 93 -10.26 -1.49 -21.05
N HIS A 94 -9.65 -0.95 -20.02
CA HIS A 94 -8.64 0.09 -20.25
C HIS A 94 -7.34 -0.46 -20.78
N LEU A 95 -7.15 -1.74 -20.61
CA LEU A 95 -5.96 -2.43 -21.09
C LEU A 95 -6.11 -2.52 -22.60
N GLU A 96 -7.21 -3.06 -23.07
CA GLU A 96 -7.48 -3.04 -24.50
C GLU A 96 -7.37 -1.66 -25.12
N GLN A 97 -8.10 -0.67 -24.63
CA GLN A 97 -8.09 0.65 -25.23
C GLN A 97 -6.89 1.50 -24.91
N TYR A 98 -6.20 1.33 -23.80
CA TYR A 98 -5.08 2.24 -23.54
C TYR A 98 -3.81 1.51 -23.24
N GLY A 99 -3.81 0.22 -23.55
CA GLY A 99 -2.72 -0.64 -23.22
C GLY A 99 -1.36 -0.25 -23.72
N THR A 100 -1.24 0.49 -24.81
CA THR A 100 -0.04 0.80 -25.52
C THR A 100 0.32 2.27 -25.45
N ASN A 101 -0.40 2.92 -24.57
CA ASN A 101 -0.29 4.36 -24.38
C ASN A 101 0.68 4.53 -23.21
N GLU A 102 1.94 4.75 -23.48
CA GLU A 102 2.98 4.97 -22.52
C GLU A 102 2.96 6.44 -22.13
N TYR A 103 2.58 6.79 -20.91
CA TYR A 103 2.67 8.15 -20.45
C TYR A 103 3.62 8.28 -19.25
N SER A 104 4.30 9.41 -19.09
CA SER A 104 5.15 9.47 -17.91
C SER A 104 4.44 10.07 -16.70
N ILE A 105 5.06 10.05 -15.54
CA ILE A 105 4.42 10.62 -14.36
C ILE A 105 5.44 11.47 -13.65
N ILE A 106 6.71 11.23 -13.82
CA ILE A 106 7.78 12.03 -13.26
C ILE A 106 8.89 12.16 -14.32
N SER A 107 9.37 13.36 -14.64
CA SER A 107 10.35 13.54 -15.67
C SER A 107 11.32 14.68 -15.51
N SER A 108 12.54 14.53 -16.02
CA SER A 108 13.58 15.53 -16.00
C SER A 108 13.87 15.97 -17.45
N MET A 109 13.11 15.37 -18.37
CA MET A 109 13.31 15.62 -19.77
C MET A 109 12.41 16.71 -20.34
N LYS A 110 13.01 17.87 -20.61
CA LYS A 110 12.26 18.92 -21.30
C LYS A 110 11.89 18.32 -22.66
N LYS A 111 10.62 18.46 -23.04
CA LYS A 111 10.18 17.80 -24.27
C LYS A 111 10.23 18.69 -25.49
N HIS A 112 9.19 18.65 -26.31
CA HIS A 112 9.16 19.48 -27.52
C HIS A 112 9.48 20.95 -27.22
N SER A 113 10.66 21.32 -27.71
CA SER A 113 11.24 22.65 -27.49
C SER A 113 12.54 22.71 -28.29
N LEU A 114 13.07 21.51 -28.52
CA LEU A 114 14.36 21.35 -29.19
C LEU A 114 15.40 21.34 -28.05
N SER A 115 15.47 20.19 -27.38
CA SER A 115 16.43 19.84 -26.36
C SER A 115 16.48 18.33 -26.09
N ILE A 116 16.17 17.59 -27.16
CA ILE A 116 16.24 16.17 -27.35
C ILE A 116 15.43 15.23 -26.51
N GLY A 117 15.18 15.57 -25.26
CA GLY A 117 14.52 14.75 -24.28
C GLY A 117 15.65 14.24 -23.37
N SER A 118 16.88 14.75 -23.48
CA SER A 118 17.92 14.15 -22.60
C SER A 118 17.47 14.23 -21.16
N GLY A 119 17.57 13.11 -20.44
CA GLY A 119 17.23 12.97 -19.06
C GLY A 119 16.53 11.71 -18.60
N TRP A 120 15.89 11.77 -17.40
CA TRP A 120 15.39 10.46 -16.95
C TRP A 120 13.89 10.50 -16.94
N SER A 121 13.19 9.38 -17.01
CA SER A 121 11.76 9.47 -16.89
C SER A 121 11.18 8.21 -16.24
N VAL A 122 10.06 8.44 -15.51
CA VAL A 122 9.37 7.32 -14.90
C VAL A 122 8.04 7.29 -15.64
N SER A 123 7.68 6.18 -16.24
CA SER A 123 6.43 6.22 -17.01
C SER A 123 5.63 4.93 -16.95
N LEU A 124 4.39 4.85 -17.33
CA LEU A 124 3.53 3.71 -17.15
C LEU A 124 2.91 3.31 -18.44
N LYS A 125 2.77 2.04 -18.72
CA LYS A 125 2.27 1.59 -20.03
C LYS A 125 1.45 0.36 -19.78
N GLY A 126 0.13 0.45 -19.73
CA GLY A 126 -0.72 -0.71 -19.39
C GLY A 126 -0.28 -1.22 -18.02
N ASN A 127 0.06 -2.51 -17.90
CA ASN A 127 0.62 -2.86 -16.58
C ASN A 127 2.14 -2.90 -16.63
N ASN A 128 2.85 -1.98 -17.22
CA ASN A 128 4.29 -1.90 -17.21
C ASN A 128 4.80 -0.71 -16.41
N LEU A 129 5.85 -0.75 -15.64
CA LEU A 129 6.39 0.43 -14.98
C LEU A 129 7.73 0.59 -15.69
N ILE A 130 8.06 1.75 -16.20
CA ILE A 130 9.29 1.84 -17.00
C ILE A 130 10.23 2.92 -16.55
N TRP A 131 11.51 2.80 -16.44
CA TRP A 131 12.46 3.86 -16.15
C TRP A 131 13.21 4.08 -17.45
N THR A 132 13.45 5.34 -17.88
CA THR A 132 14.22 5.52 -19.13
C THR A 132 15.25 6.63 -18.97
N LEU A 133 16.43 6.35 -19.48
CA LEU A 133 17.58 7.22 -19.37
C LEU A 133 17.91 7.65 -20.80
N LYS A 134 18.33 8.89 -20.95
CA LYS A 134 18.60 9.29 -22.33
C LYS A 134 19.66 10.36 -22.30
N ASP A 135 20.75 10.11 -23.03
CA ASP A 135 21.84 11.08 -23.03
C ASP A 135 21.65 12.04 -24.19
N SER A 136 22.46 13.07 -24.26
CA SER A 136 22.34 14.13 -25.23
C SER A 136 22.65 13.77 -26.65
N ALA A 137 23.11 12.60 -26.94
CA ALA A 137 23.35 12.11 -28.29
C ALA A 137 22.07 11.39 -28.64
N GLY A 138 21.20 11.16 -27.67
CA GLY A 138 19.94 10.49 -27.82
C GLY A 138 19.98 9.00 -27.63
N GLU A 139 21.10 8.52 -27.07
CA GLU A 139 21.20 7.05 -26.86
C GLU A 139 20.13 6.62 -25.86
N VAL A 140 19.61 5.40 -25.75
CA VAL A 140 18.61 5.18 -24.70
C VAL A 140 18.63 3.80 -24.04
N ARG A 141 18.60 3.77 -22.70
CA ARG A 141 18.54 2.56 -21.92
C ARG A 141 17.26 2.58 -21.09
N GLN A 142 16.56 1.47 -21.03
CA GLN A 142 15.31 1.34 -20.34
C GLN A 142 15.07 0.08 -19.54
N ILE A 143 14.62 0.16 -18.29
CA ILE A 143 14.19 -1.07 -17.63
C ILE A 143 12.70 -1.14 -17.80
N THR A 144 12.04 -2.08 -18.34
CA THR A 144 10.58 -2.15 -18.45
C THR A 144 10.17 -3.17 -17.41
N PHE A 145 9.42 -2.89 -16.35
CA PHE A 145 9.09 -3.87 -15.34
C PHE A 145 7.73 -4.42 -15.63
N ARG A 146 7.41 -5.66 -15.81
CA ARG A 146 6.10 -6.13 -16.18
C ARG A 146 5.38 -6.58 -14.94
N ASP A 147 4.30 -5.91 -14.55
CA ASP A 147 3.72 -6.29 -13.28
C ASP A 147 3.29 -7.74 -13.28
N LEU A 148 3.05 -8.36 -12.14
CA LEU A 148 2.53 -9.68 -12.00
C LEU A 148 1.10 -9.77 -12.51
N PRO A 149 0.65 -10.95 -12.91
CA PRO A 149 -0.65 -11.12 -13.50
C PRO A 149 -1.74 -11.16 -12.45
N ASP A 150 -1.45 -11.66 -11.28
CA ASP A 150 -2.39 -11.79 -10.18
C ASP A 150 -2.55 -10.45 -9.48
N LYS A 151 -3.69 -9.79 -9.70
CA LYS A 151 -3.80 -8.39 -9.28
C LYS A 151 -3.93 -8.17 -7.80
N PHE A 152 -4.41 -9.20 -7.12
CA PHE A 152 -4.46 -9.12 -5.67
C PHE A 152 -3.03 -9.02 -5.16
N ASN A 153 -2.06 -9.59 -5.87
CA ASN A 153 -0.70 -9.50 -5.33
C ASN A 153 0.32 -8.65 -6.04
N ALA A 154 -0.06 -7.88 -7.03
CA ALA A 154 0.73 -7.03 -7.84
C ALA A 154 1.14 -5.66 -7.33
N TYR A 155 2.12 -4.99 -7.90
CA TYR A 155 2.61 -3.72 -7.50
C TYR A 155 1.88 -2.54 -8.11
N LEU A 156 1.05 -2.83 -9.13
CA LEU A 156 0.31 -1.70 -9.70
C LEU A 156 -1.15 -2.09 -9.77
N ALA A 157 -1.72 -2.51 -8.67
CA ALA A 157 -3.15 -2.77 -8.62
C ALA A 157 -3.62 -2.18 -7.30
N ASN A 158 -3.45 -0.89 -7.14
CA ASN A 158 -3.85 -0.09 -6.03
C ASN A 158 -3.19 0.02 -4.67
N LYS A 159 -2.07 -0.62 -4.42
CA LYS A 159 -1.57 -0.51 -3.07
C LYS A 159 -0.44 0.48 -3.08
N TRP A 160 -0.13 1.12 -1.98
CA TRP A 160 1.05 1.97 -1.96
C TRP A 160 2.34 1.17 -2.08
N VAL A 161 3.15 1.40 -3.09
CA VAL A 161 4.38 0.59 -3.17
C VAL A 161 5.59 1.52 -3.28
N PHE A 162 6.68 1.05 -2.75
CA PHE A 162 7.90 1.86 -2.66
C PHE A 162 8.85 1.53 -3.80
N ILE A 163 9.18 2.54 -4.58
CA ILE A 163 9.98 2.38 -5.76
C ILE A 163 11.38 2.93 -5.52
N THR A 164 12.39 2.23 -5.97
CA THR A 164 13.75 2.76 -5.87
C THR A 164 14.47 2.27 -7.12
N ILE A 165 15.08 3.27 -7.81
CA ILE A 165 15.83 3.01 -9.05
C ILE A 165 17.25 3.47 -8.84
N THR A 166 18.31 2.69 -8.87
CA THR A 166 19.65 3.20 -8.59
C THR A 166 20.42 3.29 -9.89
N ASN A 167 21.30 4.27 -10.01
CA ASN A 167 21.95 4.40 -11.30
C ASN A 167 23.45 4.33 -11.21
N ASP A 168 24.03 3.22 -11.62
CA ASP A 168 25.49 3.12 -11.64
C ASP A 168 26.03 3.37 -13.05
N ARG A 169 26.53 4.54 -13.37
CA ARG A 169 27.05 4.83 -14.69
C ARG A 169 28.21 3.95 -15.15
N LEU A 170 28.94 3.29 -14.26
CA LEU A 170 29.98 2.38 -14.73
C LEU A 170 29.35 1.01 -14.83
N SER A 171 28.06 0.82 -14.61
CA SER A 171 27.53 -0.55 -14.68
C SER A 171 26.06 -0.53 -15.02
N SER A 172 25.18 -0.84 -14.09
CA SER A 172 23.78 -0.87 -14.27
C SER A 172 22.88 0.17 -13.67
N ALA A 173 21.61 0.06 -14.04
CA ALA A 173 20.62 0.95 -13.46
C ALA A 173 19.64 0.05 -12.75
N ASN A 174 19.50 -0.19 -11.46
CA ASN A 174 18.54 -1.23 -11.03
C ASN A 174 17.20 -0.76 -10.51
N LEU A 175 16.10 -1.44 -10.77
CA LEU A 175 14.82 -0.99 -10.27
C LEU A 175 14.29 -1.90 -9.17
N TYR A 176 14.01 -1.25 -8.02
CA TYR A 176 13.53 -1.97 -6.86
C TYR A 176 12.07 -1.65 -6.58
N ILE A 177 11.35 -2.64 -6.11
CA ILE A 177 10.00 -2.49 -5.63
C ILE A 177 10.02 -3.01 -4.19
N ASN A 178 9.45 -2.24 -3.23
CA ASN A 178 9.46 -2.70 -1.84
C ASN A 178 10.74 -3.41 -1.48
N GLY A 179 11.89 -2.77 -1.56
CA GLY A 179 13.18 -3.27 -1.25
C GLY A 179 13.80 -4.42 -2.04
N VAL A 180 13.19 -4.99 -3.04
CA VAL A 180 13.63 -6.05 -3.86
C VAL A 180 13.78 -5.76 -5.33
N LEU A 181 14.87 -6.23 -5.94
CA LEU A 181 15.16 -6.11 -7.33
C LEU A 181 14.04 -6.66 -8.19
N MET A 182 13.56 -5.87 -9.14
CA MET A 182 12.48 -6.26 -10.00
C MET A 182 12.94 -6.06 -11.42
N GLY A 183 14.12 -5.46 -11.60
CA GLY A 183 14.55 -5.33 -12.98
C GLY A 183 15.88 -4.66 -13.20
N SER A 184 16.53 -5.00 -14.35
CA SER A 184 17.77 -4.23 -14.55
C SER A 184 18.10 -4.10 -16.01
N ALA A 185 19.02 -3.18 -16.28
CA ALA A 185 19.61 -2.78 -17.51
C ALA A 185 20.98 -2.14 -17.33
N GLU A 186 21.92 -2.57 -18.20
CA GLU A 186 23.34 -2.19 -18.26
C GLU A 186 23.38 -0.79 -18.87
N ILE A 187 24.08 0.21 -18.34
CA ILE A 187 23.90 1.55 -18.88
C ILE A 187 25.20 2.21 -19.26
N THR A 188 26.21 1.39 -19.38
CA THR A 188 27.49 1.87 -19.93
C THR A 188 27.16 2.09 -21.40
N GLY A 189 27.75 3.14 -21.95
CA GLY A 189 27.43 3.51 -23.34
C GLY A 189 26.55 4.75 -23.27
N LEU A 190 26.27 5.30 -22.09
CA LEU A 190 25.55 6.53 -22.07
C LEU A 190 26.64 7.56 -21.77
N GLY A 191 26.41 8.69 -22.41
CA GLY A 191 27.27 9.85 -22.30
C GLY A 191 26.68 10.89 -21.37
N ALA A 192 26.52 12.12 -21.84
CA ALA A 192 26.07 13.19 -20.96
C ALA A 192 24.57 13.32 -20.88
N ILE A 193 24.11 13.16 -19.65
CA ILE A 193 22.67 13.27 -19.41
C ILE A 193 22.57 14.78 -19.32
N ARG A 194 21.64 15.32 -20.08
CA ARG A 194 21.48 16.75 -20.26
C ARG A 194 20.02 17.16 -20.11
N GLU A 195 19.48 16.96 -18.92
CA GLU A 195 18.06 17.16 -18.68
C GLU A 195 17.59 18.60 -18.75
N ASP A 196 16.42 18.77 -18.13
CA ASP A 196 15.81 20.07 -17.90
C ASP A 196 16.33 20.53 -16.53
N ASN A 197 16.01 21.78 -16.20
CA ASN A 197 16.36 22.35 -14.90
C ASN A 197 15.18 22.05 -13.97
N ASN A 198 14.08 21.62 -14.56
CA ASN A 198 12.93 21.24 -13.78
C ASN A 198 12.70 19.74 -13.80
N ILE A 199 12.37 19.26 -12.61
CA ILE A 199 11.86 17.92 -12.46
C ILE A 199 10.35 18.16 -12.32
N THR A 200 9.58 17.51 -13.13
CA THR A 200 8.19 17.57 -13.26
C THR A 200 7.42 16.34 -12.85
N LEU A 201 6.54 16.44 -11.85
CA LEU A 201 5.63 15.34 -11.51
C LEU A 201 4.31 15.67 -12.19
N LYS A 202 3.79 14.85 -13.08
CA LYS A 202 2.57 15.18 -13.80
C LYS A 202 2.23 14.17 -14.87
N LEU A 203 1.05 13.75 -15.19
CA LEU A 203 0.84 12.82 -16.25
C LEU A 203 1.10 13.39 -17.62
N ASP A 204 2.12 12.96 -18.34
CA ASP A 204 2.35 13.55 -19.65
C ASP A 204 1.88 12.61 -20.72
N ARG A 205 1.32 13.13 -21.78
CA ARG A 205 0.76 12.43 -22.90
C ARG A 205 -0.04 11.20 -22.50
N CYS A 206 -0.87 11.19 -21.48
CA CYS A 206 -1.71 10.03 -21.14
C CYS A 206 -3.05 10.24 -21.82
N ASN A 207 -3.49 9.26 -22.56
CA ASN A 207 -4.72 9.40 -23.33
C ASN A 207 -5.96 9.09 -22.55
N ASN A 208 -5.97 8.81 -21.28
CA ASN A 208 -7.22 8.43 -20.61
C ASN A 208 -7.57 9.51 -19.61
N ASN A 209 -8.74 10.11 -19.85
CA ASN A 209 -9.10 11.31 -19.08
C ASN A 209 -9.19 10.97 -17.61
N ASN A 210 -9.66 9.79 -17.26
CA ASN A 210 -9.75 9.34 -15.89
C ASN A 210 -8.53 8.90 -15.15
N GLN A 211 -7.41 8.63 -15.78
CA GLN A 211 -6.20 8.12 -15.17
C GLN A 211 -5.79 9.06 -14.06
N TYR A 212 -5.17 8.55 -13.03
CA TYR A 212 -4.64 9.33 -11.94
C TYR A 212 -3.62 8.44 -11.23
N VAL A 213 -2.70 9.01 -10.47
CA VAL A 213 -1.71 8.26 -9.74
C VAL A 213 -1.30 8.98 -8.45
N SER A 214 -0.71 8.34 -7.50
CA SER A 214 -0.36 9.08 -6.29
C SER A 214 1.08 8.82 -5.95
N ILE A 215 1.80 9.84 -5.57
CA ILE A 215 3.25 9.72 -5.36
C ILE A 215 3.57 10.32 -4.04
N ASP A 216 4.50 9.77 -3.29
CA ASP A 216 4.83 10.38 -2.01
C ASP A 216 6.30 10.30 -1.72
N LYS A 217 6.87 11.22 -1.01
CA LYS A 217 8.24 11.08 -0.53
C LYS A 217 9.19 11.11 -1.69
N PHE A 218 8.99 11.96 -2.69
CA PHE A 218 9.86 11.94 -3.84
C PHE A 218 11.23 12.44 -3.45
N ARG A 219 12.18 11.50 -3.65
CA ARG A 219 13.53 11.81 -3.21
C ARG A 219 14.61 11.37 -4.17
N ILE A 220 15.73 12.08 -4.19
CA ILE A 220 16.85 11.81 -5.03
C ILE A 220 18.16 11.86 -4.27
N PHE A 221 19.01 10.88 -4.50
CA PHE A 221 20.29 10.78 -3.81
C PHE A 221 21.44 10.87 -4.83
N CYS A 222 22.54 11.48 -4.40
CA CYS A 222 23.68 11.56 -5.31
C CYS A 222 24.59 10.35 -5.11
N LYS A 223 24.08 9.15 -5.20
CA LYS A 223 24.81 7.90 -5.15
C LYS A 223 23.95 6.71 -5.56
N ALA A 224 24.54 5.60 -5.96
CA ALA A 224 23.70 4.44 -6.29
C ALA A 224 23.48 3.73 -4.94
N LEU A 225 22.25 3.59 -4.47
CA LEU A 225 22.10 2.93 -3.17
C LEU A 225 22.36 1.42 -3.30
N ASN A 226 22.92 0.77 -2.26
CA ASN A 226 23.13 -0.67 -2.22
C ASN A 226 21.87 -1.27 -1.61
N PRO A 227 21.62 -2.53 -1.92
CA PRO A 227 20.46 -3.21 -1.35
C PRO A 227 20.35 -2.99 0.13
N LYS A 228 21.42 -3.01 0.93
CA LYS A 228 21.28 -2.80 2.35
C LYS A 228 20.66 -1.45 2.67
N GLU A 229 21.16 -0.39 2.07
CA GLU A 229 20.64 0.94 2.31
C GLU A 229 19.16 1.04 1.93
N ILE A 230 18.80 0.47 0.82
CA ILE A 230 17.47 0.49 0.24
C ILE A 230 16.47 -0.16 1.20
N GLU A 231 16.72 -1.36 1.65
CA GLU A 231 15.81 -1.94 2.64
C GLU A 231 15.72 -0.97 3.83
N LYS A 232 16.78 -0.34 4.33
CA LYS A 232 16.62 0.56 5.43
C LYS A 232 15.72 1.72 5.02
N LEU A 233 16.02 2.43 3.96
CA LEU A 233 15.19 3.47 3.43
C LEU A 233 13.74 3.03 3.49
N TYR A 234 13.47 1.93 2.79
CA TYR A 234 12.16 1.37 2.71
C TYR A 234 11.48 1.13 4.05
N THR A 235 12.15 0.51 5.01
CA THR A 235 11.44 0.27 6.27
C THR A 235 11.37 1.54 7.11
N SER A 236 12.14 2.58 6.78
CA SER A 236 12.10 3.77 7.60
C SER A 236 10.77 4.50 7.53
N TYR A 237 10.04 4.41 6.47
CA TYR A 237 8.79 5.07 6.27
C TYR A 237 7.69 4.23 6.90
N LEU A 238 7.96 2.99 7.21
CA LEU A 238 6.95 2.12 7.81
C LEU A 238 6.89 2.22 9.33
N SER A 239 6.19 3.29 9.70
CA SER A 239 5.79 3.75 11.02
C SER A 239 4.85 2.71 11.60
N ILE A 240 5.09 2.30 12.83
CA ILE A 240 4.32 1.25 13.46
C ILE A 240 3.13 1.66 14.31
N THR A 241 2.94 2.92 14.57
CA THR A 241 1.86 3.38 15.45
C THR A 241 0.48 3.47 14.85
N PHE A 242 0.37 3.70 13.56
CA PHE A 242 -0.88 3.84 12.83
C PHE A 242 -1.22 2.59 12.04
N LEU A 243 -2.39 2.03 12.12
CA LEU A 243 -2.75 0.85 11.32
C LEU A 243 -3.16 1.26 9.90
N ARG A 244 -3.03 0.28 8.99
CA ARG A 244 -3.29 0.41 7.58
C ARG A 244 -4.40 -0.50 7.09
N ASP A 245 -5.02 -0.05 6.01
CA ASP A 245 -6.10 -0.77 5.36
C ASP A 245 -5.33 -1.60 4.31
N PHE A 246 -6.03 -2.36 3.54
CA PHE A 246 -5.39 -3.18 2.51
C PHE A 246 -4.64 -2.37 1.48
N TRP A 247 -5.01 -1.09 1.24
CA TRP A 247 -4.32 -0.38 0.17
C TRP A 247 -3.10 0.33 0.68
N GLY A 248 -2.83 0.32 1.95
CA GLY A 248 -1.73 1.07 2.52
C GLY A 248 -2.19 2.39 3.16
N ASN A 249 -3.44 2.78 3.12
CA ASN A 249 -3.92 4.02 3.72
C ASN A 249 -4.27 3.86 5.19
N PRO A 250 -4.38 4.95 5.93
CA PRO A 250 -4.70 4.89 7.37
C PRO A 250 -5.91 4.05 7.72
N LEU A 251 -5.85 3.12 8.70
CA LEU A 251 -7.06 2.38 9.06
C LEU A 251 -8.06 3.38 9.69
N ARG A 252 -9.35 3.25 9.46
CA ARG A 252 -10.26 4.27 9.98
C ARG A 252 -11.34 3.77 10.92
N TYR A 253 -11.80 4.58 11.89
CA TYR A 253 -12.99 4.22 12.62
C TYR A 253 -14.21 4.56 11.77
N ASP A 254 -15.32 3.99 12.10
CA ASP A 254 -16.60 4.15 11.44
C ASP A 254 -16.69 3.89 9.94
N THR A 255 -15.78 3.19 9.23
CA THR A 255 -15.92 2.83 7.85
C THR A 255 -16.01 1.31 7.75
N GLU A 256 -16.66 0.84 6.72
CA GLU A 256 -16.93 -0.52 6.38
C GLU A 256 -15.67 -1.00 5.71
N TYR A 257 -15.27 -2.26 5.96
CA TYR A 257 -14.15 -3.07 5.49
C TYR A 257 -14.55 -4.53 5.34
N TYR A 258 -13.98 -5.14 4.30
CA TYR A 258 -14.19 -6.59 4.11
C TYR A 258 -12.99 -7.21 4.77
N LEU A 259 -13.25 -8.22 5.60
CA LEU A 259 -12.10 -8.96 6.18
C LEU A 259 -11.62 -10.10 5.30
N ILE A 260 -10.31 -10.11 5.13
CA ILE A 260 -9.69 -11.29 4.42
C ILE A 260 -8.44 -11.69 5.18
N PRO A 261 -8.23 -12.97 5.45
CA PRO A 261 -7.07 -13.53 6.12
C PRO A 261 -5.84 -13.60 5.29
N VAL A 262 -4.75 -12.99 5.75
CA VAL A 262 -3.54 -12.99 4.97
C VAL A 262 -3.07 -14.34 4.58
N ALA A 263 -3.11 -15.30 5.44
CA ALA A 263 -2.79 -16.66 5.28
C ALA A 263 -3.65 -17.42 4.28
N SER A 264 -4.81 -16.91 3.92
CA SER A 264 -5.72 -17.67 3.06
C SER A 264 -6.40 -16.66 2.18
N SER A 265 -5.60 -15.89 1.45
CA SER A 265 -6.18 -14.74 0.75
C SER A 265 -7.14 -15.04 -0.33
N SER A 266 -7.63 -16.20 -0.63
CA SER A 266 -8.67 -16.62 -1.53
C SER A 266 -9.92 -16.74 -0.70
N LYS A 267 -9.95 -16.40 0.57
CA LYS A 267 -11.10 -16.57 1.41
C LYS A 267 -11.72 -15.28 1.98
N ASP A 268 -13.02 -15.28 1.94
CA ASP A 268 -13.86 -14.22 2.47
C ASP A 268 -14.40 -14.74 3.80
N VAL A 269 -14.95 -13.88 4.67
CA VAL A 269 -15.60 -14.35 5.86
C VAL A 269 -17.10 -14.45 5.57
N GLN A 270 -17.88 -15.31 6.16
CA GLN A 270 -19.29 -15.42 5.89
C GLN A 270 -19.93 -15.67 7.26
N LEU A 271 -21.21 -15.48 7.45
CA LEU A 271 -21.86 -15.55 8.73
C LEU A 271 -22.87 -16.68 8.81
N LYS A 272 -22.74 -17.59 9.75
CA LYS A 272 -23.77 -18.60 9.93
C LYS A 272 -25.19 -18.04 9.97
N ASN A 273 -25.48 -17.14 10.88
CA ASN A 273 -26.78 -16.55 11.18
C ASN A 273 -26.57 -15.52 12.31
N ILE A 274 -27.52 -14.58 12.47
CA ILE A 274 -27.32 -13.55 13.51
C ILE A 274 -27.24 -14.34 14.79
N THR A 275 -26.48 -13.99 15.80
CA THR A 275 -26.33 -14.74 17.04
C THR A 275 -25.31 -15.87 16.88
N ASP A 276 -25.21 -16.62 15.80
CA ASP A 276 -24.21 -17.60 15.50
C ASP A 276 -22.83 -17.16 15.02
N TYR A 277 -22.07 -18.11 14.46
CA TYR A 277 -20.66 -17.97 14.12
C TYR A 277 -20.28 -17.63 12.70
N MET A 278 -19.00 -17.36 12.50
CA MET A 278 -18.46 -16.91 11.22
C MET A 278 -17.43 -17.86 10.66
N TYR A 279 -17.32 -17.95 9.33
CA TYR A 279 -16.40 -18.94 8.75
C TYR A 279 -15.94 -18.50 7.39
N LEU A 280 -14.77 -19.04 6.98
CA LEU A 280 -14.22 -18.70 5.66
C LEU A 280 -14.91 -19.34 4.50
N THR A 281 -15.02 -18.77 3.35
CA THR A 281 -15.54 -19.26 2.13
C THR A 281 -14.61 -18.68 1.02
N ASN A 282 -14.73 -19.39 -0.08
CA ASN A 282 -13.97 -19.17 -1.29
C ASN A 282 -14.46 -17.94 -2.04
N ALA A 283 -13.48 -17.15 -2.42
CA ALA A 283 -13.79 -15.90 -3.11
C ALA A 283 -13.92 -16.15 -4.59
N PRO A 284 -14.99 -15.68 -5.17
CA PRO A 284 -15.18 -15.84 -6.60
C PRO A 284 -14.03 -15.25 -7.40
N SER A 285 -14.12 -15.67 -8.64
CA SER A 285 -13.26 -15.45 -9.75
C SER A 285 -13.64 -14.65 -10.99
N TYR A 286 -12.58 -14.04 -11.47
CA TYR A 286 -12.20 -13.27 -12.55
C TYR A 286 -10.83 -13.70 -13.15
N THR A 287 -10.94 -14.11 -14.43
CA THR A 287 -9.79 -14.40 -15.20
C THR A 287 -9.92 -13.90 -16.66
N ASN A 288 -8.70 -13.59 -17.16
CA ASN A 288 -8.65 -13.16 -18.52
C ASN A 288 -7.37 -13.63 -19.21
N GLY A 289 -7.53 -14.76 -19.90
CA GLY A 289 -6.40 -15.35 -20.62
C GLY A 289 -5.82 -14.35 -21.60
N LYS A 290 -6.63 -13.90 -22.55
CA LYS A 290 -6.18 -12.87 -23.46
C LYS A 290 -5.38 -11.74 -22.82
N LEU A 291 -5.76 -11.13 -21.67
CA LEU A 291 -4.87 -10.11 -21.13
C LEU A 291 -3.95 -10.70 -20.10
N ASN A 292 -4.06 -11.95 -19.67
CA ASN A 292 -3.11 -12.52 -18.72
C ASN A 292 -3.21 -11.82 -17.37
N ILE A 293 -4.45 -11.66 -16.95
CA ILE A 293 -4.70 -10.98 -15.70
C ILE A 293 -5.75 -11.80 -14.99
N TYR A 294 -5.57 -11.97 -13.70
CA TYR A 294 -6.56 -12.70 -12.90
C TYR A 294 -6.44 -12.18 -11.48
N TYR A 295 -7.39 -12.50 -10.61
CA TYR A 295 -7.29 -12.03 -9.23
C TYR A 295 -8.50 -12.61 -8.55
N ARG A 296 -8.67 -12.93 -7.31
CA ARG A 296 -9.92 -13.28 -6.64
C ARG A 296 -10.72 -11.98 -6.59
N ARG A 297 -12.04 -12.00 -6.67
CA ARG A 297 -12.78 -10.71 -6.69
C ARG A 297 -12.99 -10.08 -5.34
N LEU A 298 -12.93 -8.77 -5.22
CA LEU A 298 -13.12 -8.20 -3.89
C LEU A 298 -14.56 -7.89 -3.62
N TYR A 299 -14.82 -7.37 -2.45
CA TYR A 299 -16.09 -6.91 -1.93
C TYR A 299 -17.22 -7.91 -1.73
N ASN A 300 -17.08 -9.19 -1.69
CA ASN A 300 -18.10 -10.08 -1.18
C ASN A 300 -17.59 -10.50 0.21
N GLY A 301 -18.58 -10.95 0.93
CA GLY A 301 -18.41 -11.41 2.29
C GLY A 301 -19.00 -10.42 3.27
N LEU A 302 -18.59 -10.51 4.52
CA LEU A 302 -19.05 -9.65 5.59
C LEU A 302 -18.35 -8.31 5.57
N LYS A 303 -19.17 -7.31 5.90
CA LYS A 303 -18.72 -5.93 6.09
C LYS A 303 -18.36 -5.69 7.56
N PHE A 304 -17.29 -5.03 7.91
CA PHE A 304 -17.03 -4.96 9.37
C PHE A 304 -16.79 -3.50 9.68
N ILE A 305 -17.14 -3.05 10.86
CA ILE A 305 -16.95 -1.62 11.10
C ILE A 305 -16.22 -1.51 12.42
N ILE A 306 -15.21 -0.71 12.55
CA ILE A 306 -14.58 -0.58 13.84
C ILE A 306 -15.05 0.64 14.61
N LYS A 307 -15.63 0.49 15.80
CA LYS A 307 -15.95 1.63 16.65
C LYS A 307 -14.94 1.83 17.78
N ARG A 308 -14.93 3.02 18.36
CA ARG A 308 -14.10 3.32 19.51
C ARG A 308 -14.85 2.88 20.78
N TYR A 309 -14.09 2.26 21.65
CA TYR A 309 -14.49 1.78 22.96
C TYR A 309 -14.46 2.91 23.98
N THR A 310 -13.45 3.75 23.97
CA THR A 310 -13.40 4.91 24.85
C THR A 310 -13.47 6.03 23.81
N PRO A 311 -13.40 7.29 24.19
CA PRO A 311 -13.65 8.37 23.27
C PRO A 311 -12.34 8.88 22.74
N ASN A 312 -11.48 8.50 23.66
CA ASN A 312 -10.43 9.22 24.42
C ASN A 312 -9.06 9.33 23.81
N ASN A 313 -9.00 10.09 22.71
CA ASN A 313 -7.77 10.81 22.39
C ASN A 313 -8.16 12.19 21.82
N GLU A 314 -8.82 12.13 20.63
CA GLU A 314 -9.57 13.29 20.18
C GLU A 314 -10.36 12.95 18.92
N ILE A 315 -11.03 13.69 18.04
CA ILE A 315 -11.44 12.86 16.90
C ILE A 315 -10.25 12.75 15.96
N ASP A 316 -9.76 11.54 16.25
CA ASP A 316 -8.70 10.90 15.46
C ASP A 316 -9.55 9.96 14.61
N SER A 317 -9.43 10.06 13.30
CA SER A 317 -10.29 9.20 12.45
C SER A 317 -9.61 7.83 12.27
N PHE A 318 -8.30 7.88 12.38
CA PHE A 318 -7.48 6.73 12.24
C PHE A 318 -7.32 5.89 13.51
N VAL A 319 -7.31 4.58 13.28
CA VAL A 319 -7.10 3.70 14.39
C VAL A 319 -5.62 3.62 14.77
N LYS A 320 -5.25 3.48 16.01
CA LYS A 320 -3.85 3.38 16.39
C LYS A 320 -3.50 2.02 16.98
N SER A 321 -2.35 1.43 16.76
CA SER A 321 -2.08 0.16 17.45
C SER A 321 -2.18 0.35 18.98
N GLY A 322 -3.00 -0.54 19.54
CA GLY A 322 -3.30 -0.50 20.93
C GLY A 322 -4.62 0.17 21.24
N ASP A 323 -5.24 0.87 20.29
CA ASP A 323 -6.52 1.50 20.64
C ASP A 323 -7.43 0.32 20.99
N PHE A 324 -8.37 0.56 21.87
CA PHE A 324 -9.36 -0.46 22.27
C PHE A 324 -10.57 -0.16 21.45
N ILE A 325 -11.25 -1.13 20.88
CA ILE A 325 -12.30 -0.88 19.90
C ILE A 325 -13.43 -1.88 20.07
N LYS A 326 -14.48 -1.80 19.29
CA LYS A 326 -15.54 -2.79 19.37
C LYS A 326 -15.69 -3.19 17.92
N LEU A 327 -15.83 -4.41 17.51
CA LEU A 327 -15.99 -4.71 16.11
C LEU A 327 -17.43 -5.00 15.81
N TYR A 328 -18.01 -4.57 14.72
CA TYR A 328 -19.40 -4.86 14.40
C TYR A 328 -19.43 -5.37 12.96
N VAL A 329 -20.50 -6.08 12.68
CA VAL A 329 -20.78 -6.63 11.38
C VAL A 329 -21.96 -5.78 10.88
N SER A 330 -21.91 -5.33 9.67
CA SER A 330 -22.90 -4.50 9.00
C SER A 330 -23.80 -5.25 8.04
N TYR A 331 -24.63 -6.14 8.55
CA TYR A 331 -25.49 -7.05 7.79
C TYR A 331 -26.94 -6.64 7.75
N ASN A 332 -27.25 -6.01 6.61
CA ASN A 332 -28.60 -5.61 6.26
C ASN A 332 -28.96 -4.28 6.86
N ASN A 333 -28.05 -3.32 6.76
CA ASN A 333 -28.33 -2.01 7.36
C ASN A 333 -28.37 -2.00 8.88
N ASN A 334 -28.53 -3.10 9.60
CA ASN A 334 -28.41 -3.20 11.04
C ASN A 334 -26.92 -3.30 11.42
N GLU A 335 -26.62 -3.19 12.71
CA GLU A 335 -25.25 -3.31 13.20
C GLU A 335 -25.22 -4.35 14.29
N HIS A 336 -24.41 -5.37 14.24
CA HIS A 336 -24.33 -6.45 15.21
C HIS A 336 -22.94 -6.64 15.79
N ILE A 337 -22.76 -6.52 17.09
CA ILE A 337 -21.42 -6.63 17.66
C ILE A 337 -20.86 -8.05 17.62
N VAL A 338 -19.54 -8.09 17.51
CA VAL A 338 -18.82 -9.34 17.50
C VAL A 338 -18.28 -9.60 18.89
N GLY A 339 -18.56 -10.75 19.47
CA GLY A 339 -17.83 -11.05 20.73
C GLY A 339 -17.88 -12.56 20.98
N TYR A 340 -17.63 -12.97 22.19
CA TYR A 340 -17.70 -14.32 22.71
C TYR A 340 -18.49 -14.28 24.02
N PRO A 341 -19.58 -14.98 24.11
CA PRO A 341 -20.35 -15.01 25.33
C PRO A 341 -19.70 -15.93 26.35
N LYS A 342 -19.61 -15.49 27.59
CA LYS A 342 -19.08 -16.18 28.75
C LYS A 342 -19.55 -17.63 28.83
N ASP A 343 -18.61 -18.56 28.71
CA ASP A 343 -18.88 -19.98 28.74
C ASP A 343 -19.53 -20.45 27.41
N GLY A 344 -19.31 -19.69 26.32
CA GLY A 344 -19.88 -20.05 25.04
C GLY A 344 -19.01 -21.15 24.39
N ASN A 345 -19.57 -21.94 23.49
CA ASN A 345 -18.90 -23.00 22.77
C ASN A 345 -17.50 -22.60 22.32
N ALA A 346 -16.55 -23.44 22.62
CA ALA A 346 -15.16 -23.25 22.25
C ALA A 346 -14.55 -24.60 21.88
N PHE A 347 -13.41 -24.60 21.23
CA PHE A 347 -12.79 -25.88 20.86
C PHE A 347 -11.92 -26.34 22.03
N ASN A 348 -11.86 -27.63 22.27
CA ASN A 348 -11.01 -28.26 23.25
C ASN A 348 -9.91 -27.40 23.80
N ASN A 349 -8.88 -27.11 23.02
CA ASN A 349 -7.72 -26.32 23.39
C ASN A 349 -7.99 -24.92 23.96
N LEU A 350 -9.24 -24.51 23.94
CA LEU A 350 -9.91 -23.36 24.38
C LEU A 350 -9.90 -22.29 23.26
N ASP A 351 -10.21 -22.67 22.05
CA ASP A 351 -10.30 -21.63 21.01
C ASP A 351 -11.69 -21.03 21.18
N ARG A 352 -11.85 -19.79 21.62
CA ARG A 352 -13.20 -19.29 21.79
C ARG A 352 -13.94 -18.99 20.51
N ILE A 353 -15.06 -19.58 20.19
CA ILE A 353 -15.78 -19.21 18.98
C ILE A 353 -16.43 -17.82 19.06
N LEU A 354 -16.26 -16.96 18.06
CA LEU A 354 -16.87 -15.68 17.97
C LEU A 354 -18.31 -15.76 17.52
N ARG A 355 -19.14 -14.93 18.19
CA ARG A 355 -20.56 -14.85 17.89
C ARG A 355 -20.92 -13.48 17.33
N VAL A 356 -21.91 -13.43 16.45
CA VAL A 356 -22.33 -12.17 15.87
C VAL A 356 -23.74 -11.83 16.34
N GLY A 357 -23.88 -10.68 16.98
CA GLY A 357 -25.16 -10.28 17.52
C GLY A 357 -25.72 -11.05 18.72
N TYR A 358 -24.91 -11.78 19.47
CA TYR A 358 -25.39 -12.59 20.57
C TYR A 358 -26.11 -11.74 21.59
N ASN A 359 -27.28 -12.20 22.05
CA ASN A 359 -28.06 -11.42 23.00
C ASN A 359 -28.87 -12.29 23.94
N ALA A 360 -28.35 -13.42 24.36
CA ALA A 360 -29.07 -14.26 25.33
C ALA A 360 -29.12 -13.43 26.60
N PRO A 361 -30.32 -13.27 27.11
CA PRO A 361 -30.51 -12.49 28.33
C PRO A 361 -29.70 -13.19 29.40
N GLY A 362 -29.10 -12.40 30.25
CA GLY A 362 -28.32 -12.91 31.35
C GLY A 362 -26.90 -13.37 31.17
N ILE A 363 -26.34 -13.47 29.98
CA ILE A 363 -25.02 -13.99 29.76
C ILE A 363 -24.16 -12.84 29.25
N PRO A 364 -23.12 -12.62 30.00
CA PRO A 364 -22.24 -11.55 29.57
C PRO A 364 -21.58 -11.97 28.27
N LEU A 365 -21.19 -10.98 27.50
CA LEU A 365 -20.63 -11.01 26.18
C LEU A 365 -19.27 -10.31 26.15
N TYR A 366 -18.19 -11.07 25.95
CA TYR A 366 -16.92 -10.32 25.97
C TYR A 366 -16.81 -9.67 24.62
N LYS A 367 -16.34 -8.43 24.60
CA LYS A 367 -16.43 -7.79 23.27
C LYS A 367 -15.44 -6.68 23.12
N LYS A 368 -14.68 -6.35 24.15
CA LYS A 368 -13.63 -5.34 24.00
C LYS A 368 -12.48 -5.91 23.20
N MET A 369 -11.99 -5.20 22.18
CA MET A 369 -10.83 -5.71 21.44
C MET A 369 -9.69 -4.70 21.42
N GLU A 370 -8.47 -5.09 21.11
CA GLU A 370 -7.39 -4.11 20.95
C GLU A 370 -6.83 -4.21 19.53
N ALA A 371 -6.68 -3.10 18.80
CA ALA A 371 -6.17 -3.23 17.42
C ALA A 371 -4.68 -3.03 17.49
N VAL A 372 -3.96 -4.04 16.99
CA VAL A 372 -2.52 -4.16 17.09
C VAL A 372 -1.82 -4.65 15.83
N LYS A 373 -0.56 -4.32 15.80
CA LYS A 373 0.39 -4.71 14.78
C LYS A 373 1.49 -5.43 15.60
N LEU A 374 1.51 -6.76 15.58
CA LEU A 374 2.47 -7.52 16.34
C LEU A 374 3.59 -8.16 15.54
N ARG A 375 3.30 -8.34 14.28
CA ARG A 375 4.15 -8.90 13.26
C ARG A 375 3.98 -8.28 11.88
N ASP A 376 4.96 -8.54 11.03
CA ASP A 376 4.98 -8.30 9.60
C ASP A 376 4.85 -6.86 9.21
N LEU A 377 5.88 -6.06 9.40
CA LEU A 377 5.87 -4.64 9.13
C LEU A 377 5.58 -4.06 7.77
N LYS A 378 5.62 -4.85 6.73
CA LYS A 378 5.47 -4.43 5.35
C LYS A 378 4.12 -4.86 4.78
N THR A 379 3.40 -5.70 5.51
CA THR A 379 2.08 -6.11 5.03
C THR A 379 1.13 -5.16 5.71
N TYR A 380 0.10 -4.87 4.93
CA TYR A 380 -0.98 -3.99 5.40
C TYR A 380 -1.90 -4.96 6.12
N SER A 381 -1.40 -5.58 7.23
CA SER A 381 -2.37 -6.45 7.89
C SER A 381 -2.51 -6.08 9.35
N VAL A 382 -3.63 -6.45 9.95
CA VAL A 382 -3.82 -6.10 11.35
C VAL A 382 -3.97 -7.37 12.20
N GLN A 383 -3.89 -7.25 13.52
CA GLN A 383 -4.20 -8.29 14.45
C GLN A 383 -5.22 -7.69 15.45
N LEU A 384 -6.15 -8.48 15.92
CA LEU A 384 -7.12 -8.13 16.88
C LEU A 384 -7.04 -9.04 18.11
N LYS A 385 -6.96 -8.53 19.29
CA LYS A 385 -6.96 -9.24 20.55
C LYS A 385 -8.23 -8.92 21.33
N LEU A 386 -8.94 -9.91 21.80
CA LEU A 386 -10.14 -9.97 22.55
C LEU A 386 -9.95 -10.22 24.06
N TYR A 387 -10.68 -9.45 24.87
CA TYR A 387 -10.53 -9.55 26.30
C TYR A 387 -11.87 -9.91 26.92
N ASP A 388 -11.74 -10.18 28.20
CA ASP A 388 -12.95 -10.55 28.94
C ASP A 388 -13.19 -9.38 29.86
N ASP A 389 -14.31 -9.34 30.59
CA ASP A 389 -14.51 -8.19 31.46
C ASP A 389 -13.46 -7.94 32.52
N LYS A 390 -12.49 -8.79 32.83
CA LYS A 390 -11.50 -8.56 33.86
C LYS A 390 -10.16 -8.15 33.25
N ASN A 391 -10.17 -7.81 31.97
CA ASN A 391 -9.07 -7.42 31.15
C ASN A 391 -8.02 -8.53 30.98
N ALA A 392 -8.50 -9.76 30.85
CA ALA A 392 -7.69 -10.94 30.62
C ALA A 392 -7.78 -11.27 29.12
N SER A 393 -6.62 -11.76 28.59
CA SER A 393 -6.68 -12.11 27.21
C SER A 393 -7.51 -13.26 26.76
N LEU A 394 -8.41 -13.18 25.83
CA LEU A 394 -9.02 -14.36 25.25
C LEU A 394 -8.26 -14.65 23.92
N GLY A 395 -7.20 -13.94 23.67
CA GLY A 395 -6.28 -13.98 22.60
C GLY A 395 -6.78 -13.46 21.27
N LEU A 396 -5.87 -13.32 20.34
CA LEU A 396 -6.01 -12.92 18.97
C LEU A 396 -7.04 -13.70 18.19
N VAL A 397 -7.71 -12.95 17.32
CA VAL A 397 -8.77 -13.45 16.47
C VAL A 397 -8.18 -14.14 15.26
N GLY A 398 -8.74 -15.31 14.95
CA GLY A 398 -8.17 -16.06 13.82
C GLY A 398 -9.11 -17.20 13.48
N THR A 399 -8.70 -18.33 12.93
CA THR A 399 -9.68 -19.38 12.67
C THR A 399 -9.27 -20.72 13.25
N HIS A 400 -10.17 -21.68 13.19
CA HIS A 400 -9.91 -23.03 13.60
C HIS A 400 -10.78 -23.99 12.80
N ASN A 401 -10.18 -25.14 12.36
CA ASN A 401 -10.96 -26.04 11.52
C ASN A 401 -11.76 -27.05 12.33
N GLY A 402 -12.99 -27.29 11.95
CA GLY A 402 -13.86 -28.17 12.69
C GLY A 402 -15.29 -28.02 12.23
N GLN A 403 -16.13 -28.61 13.08
CA GLN A 403 -17.56 -28.60 12.91
C GLN A 403 -18.24 -28.30 14.26
N ILE A 404 -19.37 -27.63 14.13
CA ILE A 404 -20.26 -27.23 15.19
C ILE A 404 -21.61 -27.82 14.84
N GLY A 405 -22.09 -28.79 15.60
CA GLY A 405 -23.33 -29.46 15.25
C GLY A 405 -23.12 -30.43 14.10
N ASN A 406 -24.05 -30.40 13.17
CA ASN A 406 -24.08 -31.21 11.97
C ASN A 406 -23.70 -30.36 10.77
N ASP A 407 -22.98 -29.28 10.99
CA ASP A 407 -22.66 -28.35 9.94
C ASP A 407 -21.44 -28.89 9.24
N PRO A 408 -21.18 -28.55 8.00
CA PRO A 408 -20.00 -28.99 7.31
C PRO A 408 -18.68 -28.67 7.97
N ASN A 409 -17.56 -29.33 7.70
CA ASN A 409 -16.29 -28.90 8.29
C ASN A 409 -16.04 -27.45 7.86
N ARG A 410 -15.62 -26.54 8.72
CA ARG A 410 -15.44 -25.17 8.30
C ARG A 410 -14.29 -24.45 8.91
N ASP A 411 -13.71 -23.37 8.43
CA ASP A 411 -12.64 -22.69 9.18
C ASP A 411 -13.39 -21.60 9.94
N ILE A 412 -13.67 -21.81 11.23
CA ILE A 412 -14.56 -20.96 12.01
C ILE A 412 -13.84 -19.83 12.71
N LEU A 413 -14.51 -18.63 12.67
CA LEU A 413 -13.76 -17.54 13.35
C LEU A 413 -13.79 -17.77 14.89
N ILE A 414 -12.71 -17.52 15.58
CA ILE A 414 -12.48 -17.73 16.96
C ILE A 414 -11.40 -16.80 17.51
N ALA A 415 -11.22 -16.84 18.83
CA ALA A 415 -10.13 -16.18 19.52
C ALA A 415 -9.31 -17.27 20.26
N SER A 416 -7.99 -17.07 20.23
CA SER A 416 -7.02 -18.01 20.75
C SER A 416 -5.73 -17.36 21.25
N ASN A 417 -5.18 -17.91 22.35
CA ASN A 417 -3.96 -17.35 22.88
C ASN A 417 -2.76 -18.08 22.29
N TRP A 418 -3.05 -19.10 21.50
CA TRP A 418 -2.02 -19.87 20.84
C TRP A 418 -1.08 -19.00 20.04
N TYR A 419 -1.74 -18.11 19.29
CA TYR A 419 -1.04 -17.29 18.34
C TYR A 419 0.09 -16.56 18.97
N PHE A 420 0.05 -16.22 20.23
CA PHE A 420 1.12 -15.46 20.84
C PHE A 420 2.42 -16.21 20.88
N ASN A 421 2.32 -17.55 20.79
CA ASN A 421 3.58 -18.29 20.77
C ASN A 421 4.21 -18.37 19.39
N HIS A 422 3.58 -17.94 18.32
CA HIS A 422 4.11 -18.17 16.98
C HIS A 422 4.33 -16.88 16.24
N LEU A 423 4.52 -15.77 16.95
CA LEU A 423 4.62 -14.49 16.26
C LEU A 423 5.71 -14.30 15.25
N LYS A 424 6.74 -15.12 15.25
CA LYS A 424 7.83 -15.06 14.29
C LYS A 424 7.58 -15.94 13.08
N ASP A 425 6.53 -16.70 12.96
CA ASP A 425 6.32 -17.47 11.77
C ASP A 425 6.29 -16.60 10.53
N LYS A 426 6.15 -17.23 9.37
CA LYS A 426 6.18 -16.48 8.12
C LYS A 426 4.72 -16.06 7.91
N ILE A 427 3.92 -17.09 8.08
CA ILE A 427 2.50 -17.00 7.74
C ILE A 427 1.71 -17.36 9.00
N LEU A 428 0.71 -16.59 9.37
CA LEU A 428 -0.04 -16.78 10.60
C LEU A 428 -1.53 -16.46 10.44
N GLY A 429 -2.30 -17.37 11.01
CA GLY A 429 -3.75 -17.44 10.99
C GLY A 429 -4.41 -16.26 11.64
N CYS A 430 -3.73 -15.51 12.52
CA CYS A 430 -4.36 -14.29 13.01
C CYS A 430 -4.07 -13.05 12.22
N ASP A 431 -3.62 -12.95 11.02
CA ASP A 431 -3.31 -11.80 10.21
C ASP A 431 -4.46 -11.35 9.32
N TRP A 432 -4.93 -10.11 9.46
CA TRP A 432 -6.07 -9.72 8.62
C TRP A 432 -5.88 -8.44 7.80
N TYR A 433 -6.51 -8.56 6.67
CA TYR A 433 -6.60 -7.56 5.64
C TYR A 433 -7.98 -6.92 5.80
N PHE A 434 -8.01 -5.62 6.00
CA PHE A 434 -9.23 -4.79 6.13
C PHE A 434 -9.37 -4.07 4.79
N VAL A 435 -10.27 -4.58 3.96
CA VAL A 435 -10.45 -3.99 2.64
C VAL A 435 -11.65 -3.07 2.47
N PRO A 436 -11.38 -1.85 2.21
CA PRO A 436 -12.46 -0.91 1.90
C PRO A 436 -12.76 -0.82 0.42
N THR A 437 -14.03 -0.60 0.02
CA THR A 437 -14.31 -0.42 -1.40
C THR A 437 -13.55 0.78 -1.98
N ASP A 438 -13.05 0.76 -3.19
CA ASP A 438 -12.24 1.90 -3.66
C ASP A 438 -12.38 2.14 -5.14
N GLU A 439 -12.32 3.40 -5.60
CA GLU A 439 -12.43 3.66 -7.04
C GLU A 439 -11.24 3.06 -7.79
N GLY A 440 -10.11 2.94 -7.09
CA GLY A 440 -8.95 2.31 -7.68
C GLY A 440 -9.17 0.86 -8.01
N TRP A 441 -10.09 0.15 -7.45
CA TRP A 441 -10.22 -1.24 -7.84
C TRP A 441 -11.69 -1.53 -8.09
N THR A 442 -12.12 -1.86 -9.28
CA THR A 442 -13.48 -2.30 -9.57
C THR A 442 -13.30 -3.69 -10.20
N ASN A 443 -14.05 -4.68 -9.79
CA ASN A 443 -13.88 -6.02 -10.31
C ASN A 443 -14.38 -5.99 -11.76
N ASP A 444 -13.60 -6.54 -12.70
CA ASP A 444 -14.10 -6.56 -14.05
C ASP A 444 -15.33 -7.46 -13.88
#